data_3MTL
#
_entry.id   3MTL
#
_cell.length_a   47.390
_cell.length_b   47.390
_cell.length_c   341.310
_cell.angle_alpha   90.00
_cell.angle_beta   90.00
_cell.angle_gamma   90.00
#
_symmetry.space_group_name_H-M   'P 43 21 2'
#
loop_
_entity.id
_entity.type
_entity.pdbx_description
1 polymer 'Cell division protein kinase 16'
2 non-polymer "(2Z,3E)-2,3'-BIINDOLE-2',3(1H,1'H)-DIONE 3-{O-[(3R)-3,4-DIHYDROXYBUTYL]OXIME}"
3 water water
#
_entity_poly.entity_id   1
_entity_poly.type   'polypeptide(L)'
_entity_poly.pdbx_seq_one_letter_code
;METYIKLDKLGEGTYATVYKGKSKLTDNLVALKEIRLEHEEGAPCTAIREVSLLKDLKHANIVTLHDIIHTEKSLTLVFE
YLDKDLKQYLDDCGNIINMHNVKLFLFQLLRGLAYCHRQKVLHRDLKPQNLLINERGELKLADFGLARAKSIPTKTYDNE
VVTLWYRPPDILLGSTDYSTQIDMWGVGCIFYEMATGRPLFPGSTVEEQLHFIFRILGTPTEETWPGILSNEEFKTYNYP
KYRAEALLSHAPRLDSDGADLLTKLLQFEGRNRISAEDAMKHPFFLSLGERIHKLPDTTSIFALKEIQLQKEASLRSAHH
HHHH
;
_entity_poly.pdbx_strand_id   A
#
# COMPACT_ATOMS: atom_id res chain seq x y z
N MET A 1 10.89 27.96 8.29
CA MET A 1 9.65 28.59 7.88
C MET A 1 9.84 30.05 7.44
N GLU A 2 10.75 30.28 6.47
CA GLU A 2 10.96 31.61 5.92
C GLU A 2 10.73 31.63 4.41
N THR A 3 10.86 30.46 3.75
CA THR A 3 10.75 30.31 2.29
C THR A 3 9.47 29.58 1.85
N TYR A 4 8.78 28.97 2.81
CA TYR A 4 7.53 28.26 2.58
C TYR A 4 6.44 28.84 3.46
N ILE A 5 5.18 28.69 3.01
CA ILE A 5 3.98 29.10 3.74
C ILE A 5 3.26 27.81 4.15
N LYS A 6 3.18 27.56 5.47
CA LYS A 6 2.50 26.42 6.04
C LYS A 6 0.98 26.65 5.91
N LEU A 7 0.31 25.68 5.28
CA LEU A 7 -1.13 25.74 5.04
C LEU A 7 -1.89 24.74 5.95
N ASP A 8 -2.98 24.13 5.47
CA ASP A 8 -3.79 23.19 6.25
C ASP A 8 -3.14 21.83 6.51
N LYS A 9 -3.52 21.19 7.64
CA LYS A 9 -3.02 19.87 8.05
C LYS A 9 -3.61 18.78 7.14
N LEU A 10 -2.75 17.91 6.58
CA LEU A 10 -3.15 16.83 5.69
C LEU A 10 -3.35 15.52 6.45
N GLY A 11 -2.58 15.36 7.53
CA GLY A 11 -2.63 14.19 8.39
C GLY A 11 -1.67 14.23 9.55
N GLU A 12 -1.78 13.24 10.45
CA GLU A 12 -0.96 13.08 11.65
C GLU A 12 -0.57 11.62 11.90
N GLY A 13 0.49 11.46 12.70
CA GLY A 13 1.02 10.19 13.16
C GLY A 13 1.63 10.36 14.53
N THR A 14 2.08 9.25 15.15
CA THR A 14 2.73 9.26 16.47
C THR A 14 4.16 9.83 16.35
N TYR A 15 4.79 9.61 15.17
CA TYR A 15 6.16 10.03 14.87
C TYR A 15 6.27 11.36 14.10
N ALA A 16 5.22 11.74 13.32
CA ALA A 16 5.22 12.99 12.55
C ALA A 16 3.83 13.52 12.17
N THR A 17 3.75 14.82 11.79
CA THR A 17 2.56 15.49 11.29
C THR A 17 2.82 16.09 9.90
N VAL A 18 1.84 16.01 8.99
CA VAL A 18 1.98 16.51 7.61
C VAL A 18 1.08 17.69 7.30
N TYR A 19 1.64 18.72 6.64
CA TYR A 19 0.93 19.93 6.25
C TYR A 19 1.09 20.22 4.76
N LYS A 20 0.04 20.82 4.14
CA LYS A 20 0.09 21.26 2.75
C LYS A 20 0.93 22.52 2.83
N GLY A 21 1.80 22.72 1.84
CA GLY A 21 2.68 23.89 1.79
C GLY A 21 2.73 24.51 0.42
N LYS A 22 3.36 25.70 0.34
CA LYS A 22 3.61 26.47 -0.89
C LYS A 22 4.95 27.15 -0.78
N SER A 23 5.68 27.26 -1.91
CA SER A 23 6.95 27.99 -1.92
C SER A 23 6.65 29.47 -2.18
N LYS A 24 7.34 30.35 -1.46
CA LYS A 24 7.20 31.79 -1.65
C LYS A 24 7.95 32.22 -2.91
N LEU A 25 8.84 31.34 -3.43
CA LEU A 25 9.66 31.59 -4.62
C LEU A 25 9.03 31.13 -5.94
N THR A 26 8.59 29.87 -6.03
CA THR A 26 8.05 29.26 -7.26
C THR A 26 6.53 29.26 -7.31
N ASP A 27 5.87 29.33 -6.12
CA ASP A 27 4.42 29.28 -5.90
C ASP A 27 3.85 27.85 -6.05
N ASN A 28 4.73 26.86 -6.24
CA ASN A 28 4.39 25.45 -6.34
C ASN A 28 4.02 24.93 -4.98
N LEU A 29 3.07 23.99 -4.95
CA LEU A 29 2.65 23.36 -3.72
C LEU A 29 3.61 22.26 -3.33
N VAL A 30 3.81 22.09 -2.02
CA VAL A 30 4.72 21.10 -1.44
C VAL A 30 4.05 20.38 -0.28
N ALA A 31 4.70 19.30 0.23
CA ALA A 31 4.20 18.65 1.44
C ALA A 31 5.32 18.84 2.47
N LEU A 32 4.94 19.36 3.66
CA LEU A 32 5.87 19.64 4.76
C LEU A 32 5.70 18.60 5.84
N LYS A 33 6.57 17.60 5.82
CA LYS A 33 6.49 16.55 6.84
C LYS A 33 7.28 17.02 8.07
N GLU A 34 6.52 17.42 9.12
CA GLU A 34 7.07 17.91 10.38
C GLU A 34 7.46 16.71 11.25
N ILE A 35 8.76 16.39 11.37
CA ILE A 35 9.18 15.25 12.20
C ILE A 35 9.13 15.66 13.66
N ARG A 36 8.24 14.99 14.44
CA ARG A 36 8.00 15.22 15.88
C ARG A 36 9.15 14.69 16.74
N LEU A 37 9.93 15.63 17.32
CA LEU A 37 11.09 15.35 18.16
C LEU A 37 10.72 15.30 19.65
N PRO A 44 16.79 16.09 24.74
CA PRO A 44 17.85 17.03 24.35
C PRO A 44 18.27 16.83 22.89
N CYS A 45 18.73 15.61 22.58
CA CYS A 45 19.15 15.17 21.26
C CYS A 45 18.09 14.23 20.74
N THR A 46 17.86 14.24 19.42
CA THR A 46 16.91 13.35 18.76
C THR A 46 17.61 12.67 17.59
N ALA A 47 17.61 11.34 17.59
CA ALA A 47 18.18 10.55 16.51
C ALA A 47 17.11 10.47 15.41
N ILE A 48 17.47 10.87 14.18
CA ILE A 48 16.55 10.90 13.04
C ILE A 48 16.82 9.69 12.15
N ARG A 49 15.81 8.85 11.94
CA ARG A 49 15.98 7.63 11.16
C ARG A 49 15.29 7.61 9.78
N GLU A 50 14.61 8.72 9.42
CA GLU A 50 13.89 8.89 8.15
C GLU A 50 14.50 8.13 6.97
N VAL A 51 13.70 7.24 6.38
CA VAL A 51 14.12 6.41 5.25
C VAL A 51 14.40 7.26 4.00
N SER A 52 13.75 8.43 3.90
CA SER A 52 13.94 9.40 2.81
C SER A 52 15.25 10.16 2.94
N LEU A 53 15.85 10.13 4.15
CA LEU A 53 17.12 10.78 4.47
C LEU A 53 18.29 9.80 4.48
N LEU A 54 18.08 8.58 4.99
CA LEU A 54 19.09 7.53 5.08
C LEU A 54 19.20 6.69 3.82
N LYS A 55 18.33 7.00 2.84
CA LYS A 55 18.33 6.46 1.49
C LYS A 55 18.03 7.63 0.50
N ASP A 56 17.53 7.29 -0.71
CA ASP A 56 17.16 8.20 -1.81
C ASP A 56 16.33 7.35 -2.73
N LEU A 57 15.08 7.16 -2.30
CA LEU A 57 14.04 6.37 -2.94
C LEU A 57 13.58 7.07 -4.21
N LYS A 58 14.42 7.04 -5.21
CA LYS A 58 14.17 7.72 -6.47
C LYS A 58 13.44 6.85 -7.42
N HIS A 59 12.12 6.86 -7.29
CA HIS A 59 11.22 6.09 -8.13
C HIS A 59 10.00 6.96 -8.40
N ALA A 60 9.45 6.89 -9.64
CA ALA A 60 8.26 7.59 -10.15
C ALA A 60 6.99 7.32 -9.29
N ASN A 61 7.03 6.29 -8.43
CA ASN A 61 5.88 5.93 -7.60
C ASN A 61 6.19 5.97 -6.10
N ILE A 62 7.15 6.84 -5.73
CA ILE A 62 7.50 7.20 -4.36
C ILE A 62 7.57 8.74 -4.34
N VAL A 63 7.00 9.39 -3.30
CA VAL A 63 7.07 10.85 -3.18
C VAL A 63 8.55 11.26 -3.16
N THR A 64 8.89 12.35 -3.86
CA THR A 64 10.26 12.82 -4.02
C THR A 64 10.55 13.90 -3.02
N LEU A 65 11.63 13.72 -2.25
CA LEU A 65 12.09 14.70 -1.27
C LEU A 65 12.86 15.82 -1.99
N HIS A 66 12.50 17.08 -1.68
CA HIS A 66 13.06 18.31 -2.27
C HIS A 66 13.93 19.16 -1.35
N ASP A 67 13.63 19.26 -0.04
CA ASP A 67 14.38 20.13 0.87
C ASP A 67 14.30 19.63 2.33
N ILE A 68 15.20 20.13 3.21
CA ILE A 68 15.25 19.81 4.63
C ILE A 68 15.35 21.14 5.37
N ILE A 69 14.50 21.35 6.40
CA ILE A 69 14.47 22.59 7.21
C ILE A 69 14.75 22.27 8.67
N HIS A 70 15.67 23.02 9.29
CA HIS A 70 16.00 22.88 10.70
C HIS A 70 15.48 24.07 11.48
N THR A 71 14.74 23.78 12.54
CA THR A 71 14.28 24.73 13.54
C THR A 71 14.87 24.17 14.85
N GLU A 72 14.96 25.00 15.88
CA GLU A 72 15.46 24.54 17.19
C GLU A 72 14.49 23.51 17.78
N LYS A 73 13.22 23.52 17.37
CA LYS A 73 12.17 22.62 17.85
C LYS A 73 11.78 21.49 16.88
N SER A 74 12.13 21.60 15.57
CA SER A 74 11.78 20.54 14.61
C SER A 74 12.69 20.38 13.40
N LEU A 75 12.42 19.33 12.61
CA LEU A 75 13.05 18.98 11.34
C LEU A 75 11.93 18.72 10.33
N THR A 76 11.87 19.57 9.31
CA THR A 76 10.81 19.52 8.31
C THR A 76 11.35 19.06 6.99
N LEU A 77 10.78 17.96 6.49
CA LEU A 77 11.13 17.36 5.21
C LEU A 77 10.15 17.90 4.20
N VAL A 78 10.65 18.53 3.13
CA VAL A 78 9.82 19.12 2.09
C VAL A 78 9.73 18.18 0.92
N PHE A 79 8.52 17.64 0.65
CA PHE A 79 8.25 16.68 -0.43
C PHE A 79 7.39 17.28 -1.56
N GLU A 80 7.22 16.51 -2.67
CA GLU A 80 6.29 16.86 -3.75
C GLU A 80 4.87 16.63 -3.19
N TYR A 81 3.88 17.35 -3.71
CA TYR A 81 2.49 17.31 -3.26
C TYR A 81 1.53 16.65 -4.26
N LEU A 82 0.62 15.84 -3.71
CA LEU A 82 -0.50 15.12 -4.35
C LEU A 82 -1.75 15.46 -3.51
N ASP A 83 -2.81 15.97 -4.17
CA ASP A 83 -4.04 16.51 -3.54
C ASP A 83 -5.08 15.56 -2.94
N LYS A 84 -4.99 14.27 -3.26
CA LYS A 84 -5.94 13.31 -2.77
C LYS A 84 -5.24 12.01 -2.44
N ASP A 85 -5.68 11.36 -1.34
CA ASP A 85 -5.22 10.03 -1.00
C ASP A 85 -6.28 9.02 -1.57
N LEU A 86 -5.92 7.74 -1.76
CA LEU A 86 -6.75 6.70 -2.38
C LEU A 86 -8.18 6.60 -1.80
N LYS A 87 -8.32 6.75 -0.47
CA LYS A 87 -9.60 6.75 0.22
C LYS A 87 -10.42 7.98 -0.24
N GLN A 88 -9.78 9.18 -0.28
CA GLN A 88 -10.41 10.42 -0.72
C GLN A 88 -10.86 10.31 -2.17
N TYR A 89 -10.03 9.69 -3.01
CA TYR A 89 -10.28 9.51 -4.44
C TYR A 89 -11.50 8.59 -4.64
N LEU A 90 -11.54 7.46 -3.90
CA LEU A 90 -12.64 6.47 -3.91
C LEU A 90 -13.95 7.17 -3.59
N ASP A 91 -14.02 7.82 -2.40
CA ASP A 91 -15.15 8.59 -1.87
C ASP A 91 -15.64 9.68 -2.83
N ASP A 92 -14.72 10.35 -3.57
CA ASP A 92 -15.07 11.41 -4.52
C ASP A 92 -15.85 10.92 -5.76
N CYS A 93 -15.57 9.69 -6.23
CA CYS A 93 -16.32 9.10 -7.35
C CYS A 93 -17.42 8.10 -6.88
N GLY A 94 -17.77 8.22 -5.59
CA GLY A 94 -18.80 7.41 -4.95
C GLY A 94 -18.41 5.97 -4.76
N ASN A 95 -17.10 5.70 -4.55
CA ASN A 95 -16.53 4.35 -4.33
C ASN A 95 -16.59 3.41 -5.53
N ILE A 96 -16.76 3.98 -6.75
CA ILE A 96 -16.82 3.24 -8.02
C ILE A 96 -15.73 3.77 -8.95
N ILE A 97 -14.54 3.15 -8.86
CA ILE A 97 -13.36 3.50 -9.68
C ILE A 97 -13.49 2.74 -10.99
N ASN A 98 -13.26 3.43 -12.12
CA ASN A 98 -13.27 2.82 -13.44
C ASN A 98 -12.29 1.64 -13.42
N MET A 99 -12.73 0.45 -13.89
CA MET A 99 -11.91 -0.77 -13.87
C MET A 99 -10.53 -0.62 -14.49
N HIS A 100 -10.40 0.05 -15.66
CA HIS A 100 -9.10 0.30 -16.31
C HIS A 100 -8.13 1.04 -15.37
N ASN A 101 -8.63 2.04 -14.61
CA ASN A 101 -7.86 2.81 -13.63
C ASN A 101 -7.40 1.94 -12.44
N VAL A 102 -8.26 1.02 -11.92
CA VAL A 102 -7.95 0.10 -10.80
C VAL A 102 -6.62 -0.63 -11.13
N LYS A 103 -6.54 -1.15 -12.38
CA LYS A 103 -5.41 -1.85 -13.00
C LYS A 103 -4.15 -0.93 -13.08
N LEU A 104 -4.33 0.35 -13.47
CA LEU A 104 -3.25 1.32 -13.60
C LEU A 104 -2.73 1.68 -12.21
N PHE A 105 -3.66 1.79 -11.24
CA PHE A 105 -3.33 2.12 -9.85
C PHE A 105 -2.59 0.95 -9.23
N LEU A 106 -3.05 -0.28 -9.52
CA LEU A 106 -2.44 -1.49 -9.02
C LEU A 106 -1.04 -1.68 -9.55
N PHE A 107 -0.81 -1.47 -10.86
CA PHE A 107 0.52 -1.62 -11.46
C PHE A 107 1.52 -0.71 -10.81
N GLN A 108 1.09 0.57 -10.62
CA GLN A 108 1.83 1.65 -10.01
C GLN A 108 2.23 1.32 -8.57
N LEU A 109 1.30 0.84 -7.77
CA LEU A 109 1.54 0.45 -6.38
C LEU A 109 2.56 -0.72 -6.32
N LEU A 110 2.47 -1.64 -7.27
CA LEU A 110 3.40 -2.76 -7.35
C LEU A 110 4.79 -2.30 -7.75
N ARG A 111 4.91 -1.19 -8.52
CA ARG A 111 6.21 -0.65 -8.91
C ARG A 111 6.93 -0.10 -7.69
N GLY A 112 6.30 0.85 -7.00
CA GLY A 112 6.86 1.51 -5.83
C GLY A 112 7.34 0.55 -4.77
N LEU A 113 6.49 -0.43 -4.46
CA LEU A 113 6.74 -1.47 -3.48
C LEU A 113 7.88 -2.38 -3.93
N ALA A 114 7.88 -2.82 -5.21
CA ALA A 114 8.95 -3.67 -5.76
C ALA A 114 10.31 -2.96 -5.71
N TYR A 115 10.30 -1.60 -5.68
CA TYR A 115 11.52 -0.78 -5.57
C TYR A 115 12.00 -0.75 -4.11
N CYS A 116 11.06 -0.50 -3.16
CA CYS A 116 11.29 -0.48 -1.71
C CYS A 116 11.93 -1.76 -1.29
N HIS A 117 11.29 -2.89 -1.66
CA HIS A 117 11.76 -4.25 -1.39
C HIS A 117 13.18 -4.46 -1.93
N ARG A 118 13.45 -4.00 -3.17
CA ARG A 118 14.77 -4.09 -3.81
C ARG A 118 15.78 -3.32 -2.95
N GLN A 119 15.36 -2.14 -2.43
CA GLN A 119 16.13 -1.24 -1.56
C GLN A 119 16.11 -1.65 -0.08
N LYS A 120 15.53 -2.83 0.24
CA LYS A 120 15.39 -3.37 1.60
C LYS A 120 14.53 -2.47 2.52
N VAL A 121 13.50 -1.82 1.94
CA VAL A 121 12.53 -0.96 2.63
C VAL A 121 11.17 -1.70 2.78
N LEU A 122 10.56 -1.63 3.96
CA LEU A 122 9.27 -2.24 4.25
C LEU A 122 8.23 -1.20 4.59
N HIS A 123 6.94 -1.55 4.33
CA HIS A 123 5.80 -0.75 4.71
C HIS A 123 5.21 -1.39 5.94
N ARG A 124 5.37 -0.72 7.09
CA ARG A 124 4.92 -1.22 8.41
C ARG A 124 3.40 -1.12 8.54
N ASP A 125 2.79 -0.19 7.79
CA ASP A 125 1.36 0.02 7.81
C ASP A 125 0.78 0.49 6.44
N LEU A 126 0.78 -0.43 5.46
CA LEU A 126 0.24 -0.13 4.14
C LEU A 126 -1.30 -0.06 4.22
N LYS A 127 -1.88 1.05 3.71
CA LYS A 127 -3.34 1.29 3.73
C LYS A 127 -3.73 2.40 2.71
N PRO A 128 -4.99 2.45 2.20
CA PRO A 128 -5.39 3.55 1.29
C PRO A 128 -4.96 5.00 1.63
N GLN A 129 -4.87 5.35 2.90
CA GLN A 129 -4.53 6.71 3.28
C GLN A 129 -3.07 7.09 3.10
N ASN A 130 -2.20 6.06 2.92
CA ASN A 130 -0.77 6.21 2.69
C ASN A 130 -0.41 6.15 1.20
N LEU A 131 -1.42 5.99 0.36
CA LEU A 131 -1.32 5.92 -1.11
C LEU A 131 -1.97 7.18 -1.64
N LEU A 132 -1.22 7.97 -2.44
CA LEU A 132 -1.68 9.26 -2.95
C LEU A 132 -1.90 9.27 -4.48
N ILE A 133 -2.87 10.09 -4.96
CA ILE A 133 -3.21 10.19 -6.39
C ILE A 133 -3.32 11.64 -6.92
N ASN A 134 -2.58 11.91 -8.02
CA ASN A 134 -2.58 13.23 -8.68
C ASN A 134 -3.54 13.25 -9.89
N GLU A 135 -3.69 14.41 -10.54
CA GLU A 135 -4.58 14.63 -11.69
C GLU A 135 -4.20 13.85 -12.97
N ARG A 136 -2.95 13.39 -13.08
CA ARG A 136 -2.44 12.65 -14.23
C ARG A 136 -2.82 11.16 -14.11
N GLY A 137 -3.15 10.76 -12.88
CA GLY A 137 -3.57 9.42 -12.49
C GLY A 137 -2.43 8.66 -11.85
N GLU A 138 -1.45 9.39 -11.35
CA GLU A 138 -0.29 8.77 -10.74
C GLU A 138 -0.49 8.37 -9.31
N LEU A 139 0.00 7.18 -8.97
CA LEU A 139 -0.09 6.64 -7.61
C LEU A 139 1.31 6.57 -7.07
N LYS A 140 1.52 7.11 -5.86
CA LYS A 140 2.81 7.12 -5.17
C LYS A 140 2.63 6.80 -3.69
N LEU A 141 3.64 6.13 -3.14
CA LEU A 141 3.76 5.77 -1.73
C LEU A 141 4.15 7.04 -1.02
N ALA A 142 3.38 7.44 0.02
CA ALA A 142 3.69 8.60 0.85
C ALA A 142 4.83 8.18 1.77
N ASP A 143 5.64 9.15 2.24
CA ASP A 143 6.75 8.81 3.14
C ASP A 143 6.19 8.85 4.53
N PHE A 144 5.47 7.80 4.87
CA PHE A 144 4.77 7.63 6.13
C PHE A 144 4.65 6.13 6.35
N GLY A 145 5.29 5.65 7.41
CA GLY A 145 5.32 4.23 7.74
C GLY A 145 6.29 3.40 6.91
N LEU A 146 7.30 4.03 6.32
CA LEU A 146 8.30 3.29 5.57
C LEU A 146 9.44 3.02 6.54
N ALA A 147 9.95 1.77 6.55
CA ALA A 147 10.99 1.37 7.49
C ALA A 147 11.92 0.30 6.94
N ARG A 148 13.20 0.40 7.29
CA ARG A 148 14.28 -0.55 6.95
C ARG A 148 13.96 -1.90 7.58
N ALA A 149 14.39 -3.00 6.93
CA ALA A 149 14.19 -4.36 7.48
C ALA A 149 15.22 -4.62 8.60
N LYS A 150 14.88 -4.17 9.82
CA LYS A 150 15.66 -4.27 11.06
C LYS A 150 14.75 -3.95 12.26
N THR A 163 -4.06 -0.08 12.73
CA THR A 163 -4.99 -0.53 11.68
C THR A 163 -4.83 -2.01 11.31
N LEU A 164 -5.74 -2.80 11.82
CA LEU A 164 -5.79 -4.25 11.74
C LEU A 164 -6.31 -4.82 10.41
N TRP A 165 -6.93 -4.00 9.56
CA TRP A 165 -7.54 -4.45 8.30
C TRP A 165 -6.64 -5.08 7.28
N TYR A 166 -5.41 -4.59 7.19
CA TYR A 166 -4.40 -4.99 6.20
C TYR A 166 -3.31 -5.93 6.75
N ARG A 167 -3.55 -6.52 7.95
CA ARG A 167 -2.63 -7.45 8.63
C ARG A 167 -2.81 -8.93 8.20
N PRO A 168 -1.70 -9.63 7.85
CA PRO A 168 -1.82 -11.03 7.40
C PRO A 168 -2.20 -12.02 8.50
N PRO A 169 -2.78 -13.20 8.13
CA PRO A 169 -3.20 -14.16 9.16
C PRO A 169 -2.05 -14.78 9.93
N ASP A 170 -0.91 -15.08 9.25
CA ASP A 170 0.24 -15.68 9.91
C ASP A 170 0.81 -14.81 11.03
N ILE A 171 0.86 -13.48 10.80
CA ILE A 171 1.34 -12.45 11.75
C ILE A 171 0.42 -12.38 12.94
N LEU A 172 -0.89 -12.41 12.67
CA LEU A 172 -1.91 -12.37 13.71
C LEU A 172 -1.78 -13.63 14.59
N LEU A 173 -1.49 -14.80 13.96
CA LEU A 173 -1.31 -16.08 14.65
C LEU A 173 0.13 -16.35 15.17
N GLY A 174 0.85 -15.27 15.44
CA GLY A 174 2.21 -15.34 15.97
C GLY A 174 3.25 -15.76 14.97
N SER A 175 3.75 -14.78 14.20
CA SER A 175 4.81 -14.98 13.22
C SER A 175 5.98 -14.09 13.60
N THR A 176 7.18 -14.66 13.65
CA THR A 176 8.44 -13.96 13.96
C THR A 176 9.06 -13.32 12.71
N ASP A 177 8.52 -13.66 11.52
CA ASP A 177 9.02 -13.18 10.23
C ASP A 177 8.34 -11.89 9.77
N TYR A 178 9.12 -10.79 9.79
CA TYR A 178 8.71 -9.45 9.37
C TYR A 178 9.42 -9.18 8.04
N SER A 179 8.82 -9.69 6.94
CA SER A 179 9.37 -9.61 5.60
C SER A 179 8.52 -8.84 4.61
N THR A 180 9.08 -8.65 3.40
CA THR A 180 8.47 -8.00 2.22
C THR A 180 7.09 -8.61 1.87
N GLN A 181 6.90 -9.88 2.25
CA GLN A 181 5.71 -10.70 2.03
C GLN A 181 4.49 -10.12 2.76
N ILE A 182 4.70 -9.46 3.92
CA ILE A 182 3.63 -8.81 4.72
C ILE A 182 2.88 -7.81 3.84
N ASP A 183 3.64 -6.95 3.16
CA ASP A 183 3.21 -5.90 2.23
C ASP A 183 2.33 -6.47 1.12
N MET A 184 2.59 -7.75 0.72
CA MET A 184 1.84 -8.40 -0.35
C MET A 184 0.39 -8.72 0.00
N TRP A 185 0.12 -8.97 1.31
CA TRP A 185 -1.22 -9.32 1.82
C TRP A 185 -2.03 -8.03 1.77
N GLY A 186 -1.37 -6.92 2.12
CA GLY A 186 -1.94 -5.57 2.07
C GLY A 186 -2.25 -5.18 0.65
N VAL A 187 -1.45 -5.66 -0.33
CA VAL A 187 -1.68 -5.34 -1.76
C VAL A 187 -3.01 -5.97 -2.17
N GLY A 188 -3.20 -7.24 -1.78
CA GLY A 188 -4.43 -8.00 -1.99
C GLY A 188 -5.64 -7.32 -1.40
N CYS A 189 -5.54 -6.90 -0.13
CA CYS A 189 -6.59 -6.17 0.57
C CYS A 189 -7.03 -4.87 -0.17
N ILE A 190 -6.05 -4.01 -0.51
CA ILE A 190 -6.24 -2.76 -1.26
C ILE A 190 -6.78 -2.99 -2.71
N PHE A 191 -6.28 -4.04 -3.41
CA PHE A 191 -6.76 -4.42 -4.75
C PHE A 191 -8.27 -4.62 -4.67
N TYR A 192 -8.74 -5.43 -3.67
CA TYR A 192 -10.18 -5.71 -3.44
C TYR A 192 -10.94 -4.42 -3.10
N GLU A 193 -10.40 -3.58 -2.19
CA GLU A 193 -10.99 -2.29 -1.79
C GLU A 193 -11.16 -1.35 -2.99
N MET A 194 -10.24 -1.39 -3.98
CA MET A 194 -10.33 -0.57 -5.20
C MET A 194 -11.39 -1.13 -6.15
N ALA A 195 -11.38 -2.46 -6.38
CA ALA A 195 -12.29 -3.19 -7.27
C ALA A 195 -13.75 -3.15 -6.81
N THR A 196 -14.01 -3.11 -5.47
CA THR A 196 -15.37 -3.11 -4.90
C THR A 196 -15.80 -1.83 -4.17
N GLY A 197 -14.84 -0.99 -3.81
CA GLY A 197 -15.09 0.24 -3.06
C GLY A 197 -15.35 0.00 -1.57
N ARG A 198 -15.00 -1.19 -1.05
CA ARG A 198 -15.21 -1.52 0.36
C ARG A 198 -14.08 -2.37 0.96
N PRO A 199 -13.73 -2.26 2.28
CA PRO A 199 -12.63 -3.07 2.81
C PRO A 199 -12.95 -4.56 2.78
N LEU A 200 -11.93 -5.39 2.49
CA LEU A 200 -12.07 -6.84 2.42
C LEU A 200 -12.27 -7.48 3.81
N PHE A 201 -11.47 -7.11 4.84
CA PHE A 201 -11.62 -7.68 6.18
C PHE A 201 -11.58 -6.56 7.24
N PRO A 202 -12.69 -5.85 7.47
CA PRO A 202 -12.67 -4.74 8.42
C PRO A 202 -12.88 -5.15 9.89
N GLY A 203 -11.96 -5.98 10.39
CA GLY A 203 -12.02 -6.52 11.74
C GLY A 203 -11.68 -5.53 12.83
N SER A 204 -12.23 -5.73 14.02
CA SER A 204 -12.02 -4.86 15.17
C SER A 204 -11.11 -5.48 16.25
N THR A 205 -10.94 -6.80 16.21
CA THR A 205 -10.07 -7.55 17.12
C THR A 205 -9.28 -8.58 16.33
N VAL A 206 -8.18 -9.07 16.93
CA VAL A 206 -7.36 -10.12 16.32
C VAL A 206 -8.27 -11.33 15.99
N GLU A 207 -9.15 -11.68 16.94
N GLU A 207 -9.14 -11.71 16.95
CA GLU A 207 -10.10 -12.79 16.90
CA GLU A 207 -10.08 -12.80 16.81
C GLU A 207 -11.16 -12.63 15.79
C GLU A 207 -11.05 -12.59 15.65
N GLU A 208 -11.73 -11.43 15.62
CA GLU A 208 -12.73 -11.11 14.59
C GLU A 208 -12.05 -11.07 13.19
N GLN A 209 -10.89 -10.40 13.08
CA GLN A 209 -10.13 -10.34 11.84
C GLN A 209 -9.92 -11.75 11.25
N LEU A 210 -9.39 -12.69 12.05
CA LEU A 210 -9.18 -14.09 11.65
C LEU A 210 -10.46 -14.77 11.17
N HIS A 211 -11.57 -14.56 11.89
CA HIS A 211 -12.88 -15.09 11.53
C HIS A 211 -13.30 -14.58 10.14
N PHE A 212 -13.21 -13.24 9.91
CA PHE A 212 -13.52 -12.52 8.68
C PHE A 212 -12.69 -13.03 7.50
N ILE A 213 -11.43 -13.43 7.77
CA ILE A 213 -10.50 -13.98 6.78
C ILE A 213 -10.90 -15.41 6.41
N PHE A 214 -11.13 -16.25 7.43
CA PHE A 214 -11.47 -17.65 7.21
C PHE A 214 -12.82 -17.84 6.53
N ARG A 215 -13.76 -16.86 6.70
CA ARG A 215 -15.06 -16.86 6.04
C ARG A 215 -14.90 -16.68 4.51
N ILE A 216 -13.83 -15.97 4.05
CA ILE A 216 -13.59 -15.72 2.63
C ILE A 216 -12.65 -16.78 2.04
N LEU A 217 -11.49 -17.02 2.71
CA LEU A 217 -10.48 -17.96 2.23
C LEU A 217 -10.62 -19.41 2.66
N GLY A 218 -11.42 -19.68 3.70
CA GLY A 218 -11.61 -21.00 4.26
C GLY A 218 -10.81 -21.14 5.54
N THR A 219 -11.23 -22.04 6.43
CA THR A 219 -10.52 -22.32 7.69
C THR A 219 -9.30 -23.23 7.35
N PRO A 220 -8.09 -22.86 7.79
CA PRO A 220 -6.91 -23.68 7.46
C PRO A 220 -6.99 -25.11 7.98
N THR A 221 -6.49 -26.06 7.16
CA THR A 221 -6.38 -27.49 7.45
C THR A 221 -4.89 -27.81 7.33
N GLU A 222 -4.45 -28.93 7.91
CA GLU A 222 -3.04 -29.34 7.81
C GLU A 222 -2.54 -29.46 6.35
N GLU A 223 -3.48 -29.54 5.39
CA GLU A 223 -3.26 -29.60 3.95
C GLU A 223 -2.94 -28.21 3.38
N THR A 224 -3.80 -27.19 3.67
CA THR A 224 -3.64 -25.80 3.18
C THR A 224 -2.62 -24.96 3.95
N TRP A 225 -2.40 -25.28 5.23
CA TRP A 225 -1.46 -24.59 6.10
C TRP A 225 -0.79 -25.63 6.99
N PRO A 226 0.38 -26.18 6.60
CA PRO A 226 1.02 -27.19 7.44
C PRO A 226 1.54 -26.55 8.73
N GLY A 227 1.20 -27.17 9.85
CA GLY A 227 1.57 -26.72 11.17
C GLY A 227 0.47 -26.07 12.00
N ILE A 228 -0.67 -25.64 11.37
CA ILE A 228 -1.75 -24.95 12.10
C ILE A 228 -2.28 -25.61 13.33
N LEU A 229 -2.62 -26.91 13.24
CA LEU A 229 -3.20 -27.67 14.35
C LEU A 229 -2.27 -27.76 15.56
N SER A 230 -0.97 -27.53 15.33
CA SER A 230 0.09 -27.48 16.33
C SER A 230 0.20 -26.06 16.95
N ASN A 231 -0.51 -25.05 16.38
CA ASN A 231 -0.51 -23.69 16.92
C ASN A 231 -1.46 -23.63 18.10
N GLU A 232 -0.94 -23.21 19.26
CA GLU A 232 -1.70 -23.07 20.50
C GLU A 232 -2.81 -22.01 20.40
N GLU A 233 -2.47 -20.78 19.91
CA GLU A 233 -3.44 -19.68 19.76
C GLU A 233 -4.54 -19.94 18.74
N PHE A 234 -4.25 -20.69 17.66
CA PHE A 234 -5.26 -21.04 16.65
C PHE A 234 -6.32 -22.01 17.25
N LYS A 235 -5.86 -23.09 17.92
CA LYS A 235 -6.73 -24.10 18.55
C LYS A 235 -7.72 -23.53 19.56
N THR A 236 -7.26 -22.56 20.39
CA THR A 236 -8.06 -21.89 21.42
C THR A 236 -9.24 -21.04 20.88
N TYR A 237 -9.19 -20.61 19.61
CA TYR A 237 -10.25 -19.78 19.04
C TYR A 237 -11.49 -20.50 18.48
N ASN A 238 -11.46 -21.85 18.39
CA ASN A 238 -12.57 -22.70 17.89
C ASN A 238 -13.31 -22.12 16.67
N TYR A 239 -12.64 -22.13 15.52
CA TYR A 239 -13.18 -21.61 14.28
C TYR A 239 -14.02 -22.66 13.58
N PRO A 240 -15.18 -22.29 13.01
CA PRO A 240 -15.96 -23.29 12.25
C PRO A 240 -15.19 -23.66 10.98
N LYS A 241 -15.29 -24.91 10.53
CA LYS A 241 -14.61 -25.33 9.29
C LYS A 241 -15.31 -24.67 8.10
N TYR A 242 -14.83 -23.45 7.75
CA TYR A 242 -15.34 -22.67 6.63
C TYR A 242 -14.73 -23.17 5.33
N ARG A 243 -15.57 -23.29 4.30
CA ARG A 243 -15.16 -23.72 2.96
C ARG A 243 -14.98 -22.45 2.15
N ALA A 244 -13.89 -22.40 1.36
CA ALA A 244 -13.52 -21.23 0.54
C ALA A 244 -14.59 -20.80 -0.43
N GLU A 245 -14.81 -19.49 -0.47
CA GLU A 245 -15.77 -18.83 -1.35
C GLU A 245 -14.98 -18.20 -2.49
N ALA A 246 -15.37 -18.51 -3.76
CA ALA A 246 -14.77 -18.02 -5.00
C ALA A 246 -14.66 -16.51 -4.96
N LEU A 247 -13.42 -15.97 -5.08
CA LEU A 247 -13.17 -14.53 -4.97
C LEU A 247 -13.91 -13.74 -6.04
N LEU A 248 -13.98 -14.28 -7.29
CA LEU A 248 -14.69 -13.67 -8.41
C LEU A 248 -16.18 -13.37 -8.07
N SER A 249 -16.79 -14.22 -7.21
CA SER A 249 -18.15 -14.07 -6.68
C SER A 249 -18.27 -12.87 -5.70
N HIS A 250 -17.18 -12.55 -4.98
CA HIS A 250 -17.08 -11.42 -4.04
C HIS A 250 -16.78 -10.08 -4.69
N ALA A 251 -16.15 -10.13 -5.86
CA ALA A 251 -15.76 -8.94 -6.60
C ALA A 251 -16.16 -9.11 -8.08
N PRO A 252 -17.48 -9.06 -8.42
CA PRO A 252 -17.92 -9.28 -9.81
C PRO A 252 -17.37 -8.39 -10.92
N ARG A 253 -16.91 -7.17 -10.57
CA ARG A 253 -16.33 -6.21 -11.52
C ARG A 253 -14.97 -6.71 -12.05
N LEU A 254 -14.36 -7.64 -11.32
CA LEU A 254 -13.08 -8.28 -11.64
C LEU A 254 -13.31 -9.37 -12.70
N ASP A 255 -12.24 -9.72 -13.45
CA ASP A 255 -12.22 -10.77 -14.48
C ASP A 255 -11.49 -11.99 -13.89
N SER A 256 -11.50 -13.13 -14.61
CA SER A 256 -10.81 -14.36 -14.20
C SER A 256 -9.34 -14.12 -13.78
N ASP A 257 -8.58 -13.37 -14.58
CA ASP A 257 -7.18 -13.06 -14.24
C ASP A 257 -7.03 -12.15 -12.99
N GLY A 258 -7.96 -11.20 -12.83
CA GLY A 258 -8.03 -10.31 -11.68
C GLY A 258 -8.19 -11.09 -10.38
N ALA A 259 -9.12 -12.05 -10.39
CA ALA A 259 -9.39 -12.93 -9.27
C ALA A 259 -8.18 -13.87 -9.02
N ASP A 260 -7.53 -14.35 -10.09
CA ASP A 260 -6.38 -15.23 -9.94
C ASP A 260 -5.20 -14.48 -9.28
N LEU A 261 -4.96 -13.20 -9.67
CA LEU A 261 -3.88 -12.39 -9.07
C LEU A 261 -4.18 -12.15 -7.59
N LEU A 262 -5.47 -11.85 -7.28
CA LEU A 262 -5.95 -11.64 -5.93
C LEU A 262 -5.67 -12.88 -5.08
N THR A 263 -6.03 -14.08 -5.59
CA THR A 263 -5.82 -15.38 -4.95
C THR A 263 -4.32 -15.55 -4.59
N LYS A 264 -3.43 -15.36 -5.57
CA LYS A 264 -1.99 -15.50 -5.43
C LYS A 264 -1.36 -14.53 -4.43
N LEU A 265 -2.05 -13.38 -4.20
CA LEU A 265 -1.68 -12.33 -3.26
C LEU A 265 -2.10 -12.65 -1.84
N LEU A 266 -3.34 -13.14 -1.67
CA LEU A 266 -3.95 -13.48 -0.38
C LEU A 266 -3.71 -14.92 0.02
N GLN A 267 -2.43 -15.28 0.14
CA GLN A 267 -2.04 -16.60 0.60
C GLN A 267 -1.80 -16.52 2.13
N PHE A 268 -2.27 -17.54 2.90
CA PHE A 268 -2.15 -17.59 4.37
C PHE A 268 -0.73 -17.35 4.84
N GLU A 269 0.21 -18.01 4.16
CA GLU A 269 1.64 -18.05 4.41
C GLU A 269 2.37 -17.09 3.49
N GLY A 270 3.06 -16.13 4.10
CA GLY A 270 3.86 -15.11 3.39
C GLY A 270 4.76 -15.65 2.31
N ARG A 271 5.43 -16.79 2.60
CA ARG A 271 6.37 -17.46 1.69
C ARG A 271 5.75 -17.86 0.34
N ASN A 272 4.42 -18.09 0.33
CA ASN A 272 3.67 -18.49 -0.87
C ASN A 272 3.02 -17.31 -1.61
N ARG A 273 2.98 -16.13 -0.95
CA ARG A 273 2.44 -14.91 -1.54
C ARG A 273 3.38 -14.53 -2.68
N ILE A 274 2.81 -14.28 -3.88
CA ILE A 274 3.53 -13.85 -5.08
C ILE A 274 4.34 -12.58 -4.75
N SER A 275 5.50 -12.42 -5.40
CA SER A 275 6.35 -11.24 -5.22
C SER A 275 5.75 -10.07 -6.01
N ALA A 276 6.15 -8.83 -5.66
CA ALA A 276 5.69 -7.62 -6.35
C ALA A 276 6.22 -7.61 -7.80
N GLU A 277 7.44 -8.15 -8.01
CA GLU A 277 8.07 -8.28 -9.32
C GLU A 277 7.22 -9.20 -10.21
N ASP A 278 6.92 -10.42 -9.71
CA ASP A 278 6.13 -11.43 -10.41
C ASP A 278 4.69 -10.98 -10.61
N ALA A 279 4.10 -10.27 -9.62
CA ALA A 279 2.75 -9.71 -9.69
C ALA A 279 2.55 -8.86 -10.94
N MET A 280 3.60 -8.18 -11.38
CA MET A 280 3.62 -7.29 -12.54
C MET A 280 3.68 -8.08 -13.90
N LYS A 281 4.15 -9.36 -13.86
CA LYS A 281 4.28 -10.25 -15.03
C LYS A 281 3.07 -11.19 -15.17
N HIS A 282 2.06 -10.98 -14.33
CA HIS A 282 0.82 -11.72 -14.33
C HIS A 282 -0.04 -11.31 -15.56
N PRO A 283 -0.77 -12.29 -16.18
CA PRO A 283 -1.64 -11.96 -17.33
C PRO A 283 -2.71 -10.87 -17.16
N PHE A 284 -3.06 -10.50 -15.91
CA PHE A 284 -4.04 -9.43 -15.63
C PHE A 284 -3.59 -8.10 -16.28
N PHE A 285 -2.26 -7.88 -16.38
CA PHE A 285 -1.63 -6.68 -16.90
C PHE A 285 -1.24 -6.70 -18.39
N LEU A 286 -1.49 -7.83 -19.08
CA LEU A 286 -1.22 -8.03 -20.51
C LEU A 286 -1.71 -6.87 -21.36
N SER A 287 -2.94 -6.40 -21.15
CA SER A 287 -3.55 -5.27 -21.87
C SER A 287 -2.71 -3.98 -21.88
N LEU A 288 -1.83 -3.82 -20.88
CA LEU A 288 -0.95 -2.67 -20.74
C LEU A 288 0.25 -2.65 -21.73
N GLY A 289 0.69 -3.84 -22.20
CA GLY A 289 1.80 -3.96 -23.15
C GLY A 289 3.16 -4.36 -22.58
N GLU A 290 4.16 -4.57 -23.47
CA GLU A 290 5.53 -4.96 -23.09
C GLU A 290 6.45 -3.77 -22.77
N ARG A 291 6.11 -2.56 -23.28
CA ARG A 291 6.87 -1.33 -23.09
C ARG A 291 6.91 -0.77 -21.66
N ILE A 292 5.96 -1.15 -20.79
CA ILE A 292 5.92 -0.71 -19.40
C ILE A 292 6.93 -1.44 -18.54
N HIS A 293 7.39 -2.63 -18.97
CA HIS A 293 8.36 -3.42 -18.22
C HIS A 293 9.81 -2.94 -18.45
N LYS A 294 10.04 -2.22 -19.55
CA LYS A 294 11.35 -1.71 -19.96
C LYS A 294 11.64 -0.29 -19.44
N LEU A 295 10.62 0.38 -18.85
CA LEU A 295 10.77 1.74 -18.32
C LEU A 295 11.73 1.82 -17.14
N PRO A 296 12.62 2.84 -17.06
CA PRO A 296 13.48 2.97 -15.87
C PRO A 296 12.62 3.46 -14.71
N ASP A 297 13.07 3.18 -13.48
CA ASP A 297 12.49 3.52 -12.17
C ASP A 297 11.88 4.91 -12.08
N THR A 298 12.58 5.91 -12.63
CA THR A 298 12.25 7.32 -12.62
C THR A 298 11.22 7.82 -13.66
N THR A 299 10.93 7.03 -14.69
CA THR A 299 9.93 7.49 -15.64
C THR A 299 8.49 6.97 -15.29
N SER A 300 7.51 7.91 -15.35
CA SER A 300 6.07 7.72 -15.15
C SER A 300 5.55 6.70 -16.18
N ILE A 301 4.53 5.89 -15.79
CA ILE A 301 3.94 4.89 -16.71
C ILE A 301 3.13 5.62 -17.78
N PHE A 302 2.58 6.81 -17.45
CA PHE A 302 1.78 7.65 -18.35
C PHE A 302 2.55 8.18 -19.58
N ALA A 303 3.92 8.19 -19.52
CA ALA A 303 4.86 8.58 -20.61
C ALA A 303 4.54 7.87 -21.93
N LEU A 304 3.98 6.64 -21.82
CA LEU A 304 3.59 5.84 -22.95
C LEU A 304 2.23 6.29 -23.47
N LYS A 305 2.13 6.42 -24.82
CA LYS A 305 0.88 6.81 -25.50
C LYS A 305 -0.19 5.76 -25.20
N GLU A 306 0.22 4.49 -25.19
CA GLU A 306 -0.56 3.26 -24.92
C GLU A 306 -1.22 3.28 -23.54
N ILE A 307 -0.58 3.93 -22.53
CA ILE A 307 -1.07 4.05 -21.17
C ILE A 307 -1.76 5.40 -20.90
N GLN A 308 -3.04 5.37 -20.56
CA GLN A 308 -3.80 6.58 -20.18
C GLN A 308 -5.00 6.38 -19.29
N LEU A 309 -5.14 7.34 -18.36
CA LEU A 309 -6.19 7.44 -17.36
C LEU A 309 -7.54 7.64 -18.04
N GLN A 310 -8.53 6.84 -17.58
CA GLN A 310 -9.90 6.93 -18.04
C GLN A 310 -10.67 7.85 -17.12
N LYS A 311 -11.57 8.69 -17.69
CA LYS A 311 -12.42 9.61 -16.93
C LYS A 311 -13.37 8.75 -16.12
N GLU A 312 -13.55 9.08 -14.84
CA GLU A 312 -14.43 8.36 -13.90
C GLU A 312 -15.92 8.49 -14.24
#